data_8K5N
#
_entry.id   8K5N
#
_cell.length_a   49.250
_cell.length_b   49.250
_cell.length_c   278.030
_cell.angle_alpha   90.00
_cell.angle_beta   90.00
_cell.angle_gamma   90.00
#
_symmetry.space_group_name_H-M   'P 43 2 2'
#
loop_
_entity.id
_entity.type
_entity.pdbx_description
1 polymer 'Programmed cell death 1 ligand 1'
2 non-polymer 3-[(1~{S})-1-[6-methoxy-3-methyl-5-[[[(2~{S})-5-oxidanylidenepyrrolidin-2-yl]methylamino]methyl]pyridin-2-yl]oxy-2,3-dihydro-1~{H}-inden-4-yl]-2-methyl-~{N}-[5-[[[(2~{S})-5-oxidanylidenepyrrolidin-2-yl]methylamino]methyl]pyridin-2-yl]benzamide
3 water water
#
_entity_poly.entity_id   1
_entity_poly.type   'polypeptide(L)'
_entity_poly.pdbx_seq_one_letter_code
;AFTVTVPKDLYVVEYGSNMTIECKFPVEKQLDLAALIVYWEMEDKNIIQFVHGEEDLKVQHSSYRQRARLLKDQLSLGNA
ALQITDVKLQDAGVYRCMISYGGADYKRITVKVNAPYAAALEHHHHHH
;
_entity_poly.pdbx_strand_id   A,B
#
# COMPACT_ATOMS: atom_id res chain seq x y z
N ALA A 1 -5.06 -10.34 -12.42
CA ALA A 1 -4.20 -9.47 -11.62
C ALA A 1 -4.02 -10.04 -10.22
N PHE A 2 -2.80 -9.94 -9.71
CA PHE A 2 -2.46 -10.43 -8.37
C PHE A 2 -3.45 -9.89 -7.34
N THR A 3 -4.10 -10.79 -6.61
CA THR A 3 -5.18 -10.42 -5.72
C THR A 3 -4.87 -10.83 -4.28
N VAL A 4 -4.92 -9.88 -3.36
CA VAL A 4 -4.95 -10.18 -1.93
C VAL A 4 -6.41 -10.22 -1.49
N THR A 5 -6.77 -11.27 -0.74
CA THR A 5 -8.13 -11.37 -0.23
C THR A 5 -8.10 -11.62 1.26
N VAL A 6 -9.07 -11.04 1.95
CA VAL A 6 -9.21 -11.22 3.40
C VAL A 6 -10.51 -11.99 3.63
N PRO A 7 -10.46 -13.19 4.21
CA PRO A 7 -11.72 -13.92 4.45
C PRO A 7 -12.69 -13.18 5.36
N LYS A 8 -12.18 -12.35 6.27
CA LYS A 8 -13.03 -11.48 7.06
C LYS A 8 -12.48 -10.07 6.95
N ASP A 9 -13.34 -9.10 6.63
CA ASP A 9 -12.92 -7.72 6.59
C ASP A 9 -13.34 -6.96 7.84
N LEU A 10 -14.01 -7.65 8.78
CA LEU A 10 -14.45 -7.03 10.02
C LEU A 10 -14.25 -8.02 11.15
N TYR A 11 -13.49 -7.62 12.16
CA TYR A 11 -13.28 -8.41 13.36
C TYR A 11 -13.81 -7.62 14.55
N VAL A 12 -14.71 -8.25 15.32
CA VAL A 12 -15.21 -7.68 16.57
C VAL A 12 -14.73 -8.58 17.68
N VAL A 13 -13.79 -8.10 18.50
CA VAL A 13 -13.05 -8.97 19.40
C VAL A 13 -13.17 -8.51 20.85
N GLU A 14 -13.10 -9.48 21.77
CA GLU A 14 -13.21 -9.20 23.19
C GLU A 14 -11.90 -8.66 23.74
N TYR A 15 -12.02 -7.75 24.71
CA TYR A 15 -10.84 -7.19 25.37
C TYR A 15 -9.97 -8.28 25.97
N GLY A 16 -8.67 -8.21 25.71
CA GLY A 16 -7.74 -9.17 26.28
C GLY A 16 -7.67 -10.49 25.56
N SER A 17 -8.44 -10.65 24.49
CA SER A 17 -8.41 -11.92 23.78
C SER A 17 -7.20 -11.98 22.84
N ASN A 18 -7.04 -13.14 22.22
CA ASN A 18 -6.07 -13.32 21.15
C ASN A 18 -6.79 -13.34 19.81
N MET A 19 -6.23 -12.64 18.83
CA MET A 19 -6.87 -12.43 17.56
C MET A 19 -5.89 -12.73 16.43
N THR A 20 -6.37 -13.43 15.40
CA THR A 20 -5.58 -13.74 14.22
C THR A 20 -6.33 -13.21 13.00
N ILE A 21 -5.76 -12.21 12.34
CA ILE A 21 -6.37 -11.60 11.15
C ILE A 21 -5.75 -12.25 9.92
N GLU A 22 -6.57 -12.97 9.16
CA GLU A 22 -6.07 -13.70 8.00
C GLU A 22 -5.96 -12.79 6.78
N CYS A 23 -5.00 -13.12 5.90
CA CYS A 23 -4.71 -12.29 4.74
C CYS A 23 -4.03 -13.19 3.70
N LYS A 24 -4.72 -13.44 2.60
CA LYS A 24 -4.32 -14.50 1.68
C LYS A 24 -3.91 -13.94 0.34
N PHE A 25 -2.90 -14.58 -0.25
CA PHE A 25 -2.39 -14.27 -1.58
C PHE A 25 -1.99 -15.59 -2.23
N PRO A 26 -2.04 -15.66 -3.57
CA PRO A 26 -1.80 -16.94 -4.25
C PRO A 26 -0.34 -17.36 -4.22
N VAL A 27 -0.11 -18.66 -4.03
CA VAL A 27 1.21 -19.26 -4.20
C VAL A 27 1.07 -20.50 -5.07
N GLU A 28 1.78 -20.51 -6.19
CA GLU A 28 1.83 -21.69 -7.05
C GLU A 28 3.00 -22.57 -6.62
N LYS A 29 2.69 -23.79 -6.18
CA LYS A 29 3.70 -24.72 -5.69
C LYS A 29 4.48 -24.12 -4.52
N GLN A 30 5.71 -23.67 -4.77
CA GLN A 30 6.64 -23.27 -3.73
C GLN A 30 6.67 -21.76 -3.55
N LEU A 31 6.79 -21.33 -2.29
CA LEU A 31 6.83 -19.91 -1.93
C LEU A 31 8.26 -19.41 -2.00
N ASP A 32 8.47 -18.36 -2.81
CA ASP A 32 9.78 -17.73 -3.00
C ASP A 32 9.91 -16.57 -2.01
N LEU A 33 10.42 -16.86 -0.80
CA LEU A 33 10.55 -15.83 0.23
C LEU A 33 11.32 -14.62 -0.25
N ALA A 34 12.32 -14.82 -1.10
CA ALA A 34 13.14 -13.73 -1.62
C ALA A 34 12.35 -12.72 -2.43
N ALA A 35 11.20 -13.10 -2.95
CA ALA A 35 10.37 -12.21 -3.76
C ALA A 35 9.20 -11.61 -2.98
N LEU A 36 9.06 -11.94 -1.71
CA LEU A 36 7.87 -11.63 -0.93
C LEU A 36 8.10 -10.42 -0.02
N ILE A 37 7.17 -9.47 -0.04
CA ILE A 37 7.11 -8.41 0.96
C ILE A 37 5.74 -8.47 1.61
N VAL A 38 5.71 -8.41 2.95
CA VAL A 38 4.48 -8.46 3.73
C VAL A 38 4.51 -7.30 4.71
N TYR A 39 3.55 -6.39 4.61
CA TYR A 39 3.52 -5.21 5.45
C TYR A 39 2.14 -5.07 6.06
N TRP A 40 2.10 -4.97 7.38
CA TRP A 40 0.87 -4.77 8.13
C TRP A 40 0.95 -3.46 8.86
N GLU A 41 -0.14 -2.70 8.81
CA GLU A 41 -0.14 -1.33 9.29
C GLU A 41 -1.50 -1.03 9.90
N MET A 42 -1.51 -0.06 10.79
CA MET A 42 -2.74 0.49 11.34
C MET A 42 -2.43 1.92 11.77
N GLU A 43 -3.17 2.89 11.20
CA GLU A 43 -2.96 4.33 11.41
C GLU A 43 -1.47 4.69 11.47
N ASP A 44 -0.77 4.33 10.40
CA ASP A 44 0.65 4.59 10.20
C ASP A 44 1.58 3.84 11.15
N LYS A 45 1.05 3.02 12.06
CA LYS A 45 1.92 2.25 12.94
C LYS A 45 2.46 1.02 12.21
N ASN A 46 3.77 0.86 12.23
CA ASN A 46 4.43 -0.28 11.59
C ASN A 46 4.21 -1.51 12.47
N ILE A 47 3.37 -2.43 12.01
CA ILE A 47 3.10 -3.64 12.80
C ILE A 47 4.01 -4.78 12.39
N ILE A 48 3.99 -5.11 11.09
CA ILE A 48 4.78 -6.19 10.52
C ILE A 48 5.47 -5.65 9.27
N GLN A 49 6.77 -5.89 9.16
CA GLN A 49 7.52 -5.48 7.97
C GLN A 49 8.45 -6.63 7.58
N PHE A 50 7.94 -7.49 6.70
CA PHE A 50 8.66 -8.66 6.18
C PHE A 50 9.14 -8.32 4.77
N VAL A 51 10.44 -8.13 4.60
CA VAL A 51 11.01 -7.63 3.34
C VAL A 51 11.97 -8.68 2.78
N HIS A 52 11.50 -9.42 1.78
CA HIS A 52 12.34 -10.36 1.03
C HIS A 52 13.02 -11.36 1.94
N GLY A 53 12.24 -11.90 2.87
CA GLY A 53 12.70 -12.92 3.77
C GLY A 53 13.15 -12.43 5.13
N GLU A 54 13.32 -11.11 5.32
CA GLU A 54 13.92 -10.58 6.54
C GLU A 54 12.93 -9.71 7.30
N GLU A 55 12.99 -9.78 8.61
CA GLU A 55 12.10 -9.01 9.47
C GLU A 55 12.96 -8.19 10.41
N ASP A 56 12.81 -6.87 10.36
CA ASP A 56 13.45 -5.99 11.32
C ASP A 56 12.42 -5.66 12.40
N LEU A 57 12.58 -6.25 13.58
CA LEU A 57 11.62 -5.98 14.64
C LEU A 57 11.94 -4.72 15.42
N LYS A 58 13.08 -4.07 15.13
CA LYS A 58 13.40 -2.78 15.72
C LYS A 58 12.46 -1.68 15.25
N VAL A 59 11.89 -1.82 14.05
CA VAL A 59 11.02 -0.78 13.49
C VAL A 59 9.56 -0.96 13.87
N GLN A 60 9.21 -2.04 14.56
CA GLN A 60 7.84 -2.23 14.98
C GLN A 60 7.42 -1.19 16.01
N HIS A 61 6.19 -0.69 15.88
CA HIS A 61 5.68 0.36 16.76
C HIS A 61 5.58 -0.15 18.19
N SER A 62 6.05 0.67 19.15
CA SER A 62 6.16 0.21 20.54
C SER A 62 4.84 -0.34 21.05
N SER A 63 3.72 0.24 20.65
CA SER A 63 2.41 -0.20 21.13
C SER A 63 2.09 -1.64 20.76
N TYR A 64 2.80 -2.22 19.78
CA TYR A 64 2.55 -3.60 19.39
C TYR A 64 3.64 -4.54 19.88
N ARG A 65 4.61 -4.05 20.64
CA ARG A 65 5.75 -4.88 21.05
C ARG A 65 5.28 -6.03 21.93
N GLN A 66 5.78 -7.23 21.61
CA GLN A 66 5.53 -8.50 22.30
C GLN A 66 4.11 -9.00 22.14
N ARG A 67 3.29 -8.36 21.32
CA ARG A 67 1.91 -8.78 21.15
C ARG A 67 1.55 -9.14 19.71
N ALA A 68 2.25 -8.62 18.72
CA ALA A 68 1.91 -8.81 17.30
C ALA A 68 3.03 -9.56 16.59
N ARG A 69 2.65 -10.63 15.89
CA ARG A 69 3.62 -11.40 15.12
C ARG A 69 2.98 -11.88 13.82
N LEU A 70 3.81 -12.10 12.80
CA LEU A 70 3.42 -12.74 11.56
C LEU A 70 3.64 -14.24 11.69
N LEU A 71 2.57 -15.02 11.54
CA LEU A 71 2.70 -16.47 11.68
C LEU A 71 3.38 -17.03 10.44
N LYS A 72 4.66 -17.44 10.58
CA LYS A 72 5.43 -17.90 9.43
C LYS A 72 4.91 -19.23 8.90
N ASP A 73 4.39 -20.09 9.77
CA ASP A 73 3.87 -21.38 9.34
C ASP A 73 2.75 -21.21 8.32
N GLN A 74 1.93 -20.17 8.48
CA GLN A 74 0.88 -19.90 7.51
C GLN A 74 1.46 -19.39 6.20
N LEU A 75 2.35 -18.39 6.27
CA LEU A 75 2.98 -17.75 5.12
C LEU A 75 3.27 -18.71 3.98
N SER A 76 3.81 -19.89 4.29
CA SER A 76 4.17 -20.87 3.28
C SER A 76 2.96 -21.32 2.44
N LEU A 77 1.76 -21.15 2.97
CA LEU A 77 0.53 -21.49 2.26
C LEU A 77 -0.16 -20.27 1.70
N GLY A 78 0.51 -19.13 1.67
CA GLY A 78 -0.08 -17.94 1.12
C GLY A 78 -1.01 -17.19 2.06
N ASN A 79 -0.86 -17.39 3.37
CA ASN A 79 -1.63 -16.68 4.39
C ASN A 79 -0.64 -15.88 5.22
N ALA A 80 -0.70 -14.56 5.06
CA ALA A 80 0.16 -13.66 5.84
C ALA A 80 -0.62 -13.20 7.06
N ALA A 81 -0.83 -14.14 7.97
CA ALA A 81 -1.72 -13.94 9.11
C ALA A 81 -1.02 -13.15 10.21
N LEU A 82 -1.68 -12.10 10.67
CA LEU A 82 -1.23 -11.31 11.81
C LEU A 82 -1.95 -11.79 13.06
N GLN A 83 -1.19 -12.26 14.06
CA GLN A 83 -1.73 -12.60 15.36
C GLN A 83 -1.38 -11.49 16.35
N ILE A 84 -2.38 -11.01 17.08
CA ILE A 84 -2.19 -10.12 18.22
C ILE A 84 -2.68 -10.83 19.47
N THR A 85 -1.79 -11.01 20.44
CA THR A 85 -2.13 -11.56 21.74
C THR A 85 -2.47 -10.43 22.71
N ASP A 86 -3.42 -10.69 23.60
CA ASP A 86 -3.75 -9.75 24.67
C ASP A 86 -4.23 -8.42 24.09
N VAL A 87 -5.31 -8.53 23.29
CA VAL A 87 -5.81 -7.40 22.53
C VAL A 87 -6.22 -6.26 23.44
N LYS A 88 -5.88 -5.03 23.03
CA LYS A 88 -6.18 -3.83 23.80
C LYS A 88 -7.06 -2.89 22.99
N LEU A 89 -7.65 -1.90 23.69
CA LEU A 89 -8.43 -0.90 22.99
C LEU A 89 -7.59 -0.12 21.98
N GLN A 90 -6.30 0.11 22.30
CA GLN A 90 -5.40 0.83 21.38
C GLN A 90 -5.25 0.09 20.07
N ASP A 91 -5.66 -1.20 19.99
CA ASP A 91 -5.55 -1.99 18.76
C ASP A 91 -6.72 -1.79 17.79
N ALA A 92 -7.80 -1.12 18.21
CA ALA A 92 -8.93 -0.90 17.31
C ALA A 92 -8.58 0.09 16.21
N GLY A 93 -9.00 -0.20 14.99
CA GLY A 93 -8.75 0.69 13.88
C GLY A 93 -8.85 -0.05 12.55
N VAL A 94 -8.45 0.65 11.50
CA VAL A 94 -8.42 0.06 10.16
C VAL A 94 -7.03 -0.49 9.89
N TYR A 95 -6.92 -1.81 9.72
CA TYR A 95 -5.66 -2.47 9.38
C TYR A 95 -5.56 -2.64 7.87
N ARG A 96 -4.33 -2.52 7.35
CA ARG A 96 -4.04 -2.80 5.95
C ARG A 96 -2.96 -3.86 5.87
N CYS A 97 -3.26 -4.94 5.16
CA CYS A 97 -2.30 -5.98 4.84
C CYS A 97 -1.85 -5.74 3.39
N MET A 98 -0.55 -5.50 3.20
CA MET A 98 0.00 -5.15 1.89
C MET A 98 0.99 -6.22 1.50
N ILE A 99 0.86 -6.75 0.28
CA ILE A 99 1.67 -7.86 -0.21
C ILE A 99 2.28 -7.51 -1.56
N SER A 100 3.58 -7.76 -1.69
CA SER A 100 4.27 -7.70 -2.96
C SER A 100 4.84 -9.09 -3.23
N TYR A 101 4.40 -9.70 -4.33
CA TYR A 101 4.82 -11.04 -4.68
C TYR A 101 4.57 -11.23 -6.16
N GLY A 102 5.51 -10.78 -7.01
CA GLY A 102 5.29 -10.70 -8.44
C GLY A 102 3.94 -10.09 -8.76
N GLY A 103 3.81 -8.79 -8.56
CA GLY A 103 2.51 -8.16 -8.42
C GLY A 103 2.32 -7.64 -7.00
N ALA A 104 1.20 -6.96 -6.79
CA ALA A 104 0.98 -6.30 -5.50
C ALA A 104 -0.48 -5.93 -5.33
N ASP A 105 -0.95 -6.05 -4.09
CA ASP A 105 -2.32 -5.72 -3.73
C ASP A 105 -2.35 -5.48 -2.22
N TYR A 106 -3.45 -4.87 -1.75
CA TYR A 106 -3.68 -4.74 -0.31
C TYR A 106 -5.18 -4.76 -0.05
N LYS A 107 -5.54 -5.09 1.19
CA LYS A 107 -6.93 -5.02 1.65
C LYS A 107 -6.98 -4.40 3.04
N ARG A 108 -8.11 -3.76 3.35
CA ARG A 108 -8.42 -3.22 4.67
C ARG A 108 -9.10 -4.28 5.52
N ILE A 109 -8.83 -4.23 6.82
CA ILE A 109 -9.59 -4.98 7.81
C ILE A 109 -9.90 -4.05 8.98
N THR A 110 -11.18 -3.92 9.32
CA THR A 110 -11.58 -3.16 10.48
C THR A 110 -11.60 -4.08 11.69
N VAL A 111 -10.95 -3.67 12.78
CA VAL A 111 -11.08 -4.39 14.04
C VAL A 111 -11.68 -3.46 15.08
N LYS A 112 -12.77 -3.91 15.68
CA LYS A 112 -13.42 -3.21 16.76
C LYS A 112 -13.21 -4.01 18.03
N VAL A 113 -12.66 -3.36 19.06
CA VAL A 113 -12.41 -4.00 20.34
C VAL A 113 -13.49 -3.57 21.32
N ASN A 114 -14.15 -4.56 21.93
CA ASN A 114 -15.20 -4.29 22.89
C ASN A 114 -14.63 -3.78 24.21
N ALA A 115 -15.42 -2.96 24.91
CA ALA A 115 -15.03 -2.47 26.22
C ALA A 115 -14.78 -3.65 27.14
N PRO A 116 -13.86 -3.50 28.11
CA PRO A 116 -13.61 -4.51 29.16
C PRO A 116 -14.86 -4.86 29.98
N ALA B 1 16.14 1.89 5.27
CA ALA B 1 14.88 1.39 4.73
C ALA B 1 14.48 2.10 3.43
N PHE B 2 14.02 1.30 2.45
CA PHE B 2 13.55 1.87 1.20
C PHE B 2 12.47 2.90 1.49
N THR B 3 12.62 4.09 0.93
CA THR B 3 11.76 5.21 1.28
C THR B 3 11.17 5.87 0.04
N VAL B 4 9.84 5.97 0.00
CA VAL B 4 9.15 6.82 -0.95
C VAL B 4 8.95 8.18 -0.28
N THR B 5 9.46 9.24 -0.90
CA THR B 5 9.27 10.59 -0.41
C THR B 5 8.40 11.38 -1.38
N VAL B 6 7.63 12.31 -0.83
CA VAL B 6 6.82 13.22 -1.64
C VAL B 6 7.28 14.63 -1.32
N PRO B 7 7.75 15.40 -2.30
CA PRO B 7 8.15 16.80 -2.02
C PRO B 7 7.00 17.66 -1.52
N LYS B 8 5.75 17.30 -1.82
CA LYS B 8 4.57 18.00 -1.32
C LYS B 8 3.54 16.96 -0.91
N ASP B 9 3.01 17.07 0.31
CA ASP B 9 1.96 16.17 0.77
C ASP B 9 0.59 16.82 0.74
N LEU B 10 0.51 18.06 0.27
CA LEU B 10 -0.76 18.76 0.06
C LEU B 10 -0.64 19.58 -1.21
N TYR B 11 -1.57 19.36 -2.14
CA TYR B 11 -1.71 20.18 -3.34
C TYR B 11 -3.03 20.91 -3.25
N VAL B 12 -3.02 22.22 -3.48
CA VAL B 12 -4.23 23.03 -3.60
C VAL B 12 -4.25 23.56 -5.02
N VAL B 13 -5.16 23.03 -5.84
CA VAL B 13 -5.16 23.30 -7.28
C VAL B 13 -6.50 23.93 -7.68
N GLU B 14 -6.47 24.66 -8.81
CA GLU B 14 -7.70 25.24 -9.36
C GLU B 14 -8.45 24.23 -10.20
N TYR B 15 -9.78 24.28 -10.10
CA TYR B 15 -10.63 23.49 -10.97
C TYR B 15 -10.30 23.78 -12.43
N GLY B 16 -10.21 22.72 -13.23
CA GLY B 16 -9.96 22.86 -14.65
C GLY B 16 -8.49 23.02 -15.03
N SER B 17 -7.59 22.94 -14.06
CA SER B 17 -6.17 23.11 -14.29
C SER B 17 -5.49 21.77 -14.54
N ASN B 18 -4.18 21.83 -14.76
CA ASN B 18 -3.35 20.64 -14.90
C ASN B 18 -2.56 20.45 -13.63
N MET B 19 -2.40 19.19 -13.21
CA MET B 19 -1.77 18.88 -11.94
C MET B 19 -0.76 17.76 -12.12
N THR B 20 0.46 17.97 -11.62
CA THR B 20 1.44 16.90 -11.52
C THR B 20 1.74 16.62 -10.05
N ILE B 21 1.42 15.41 -9.59
CA ILE B 21 1.71 15.03 -8.22
C ILE B 21 3.00 14.23 -8.23
N GLU B 22 4.02 14.79 -7.59
CA GLU B 22 5.33 14.18 -7.55
C GLU B 22 5.41 13.09 -6.49
N CYS B 23 6.23 12.08 -6.78
CA CYS B 23 6.43 10.97 -5.87
C CYS B 23 7.78 10.35 -6.21
N LYS B 24 8.72 10.41 -5.28
CA LYS B 24 10.12 10.12 -5.58
C LYS B 24 10.56 8.85 -4.87
N PHE B 25 11.38 8.06 -5.55
CA PHE B 25 11.95 6.85 -4.99
C PHE B 25 13.38 6.73 -5.46
N PRO B 26 14.24 6.02 -4.71
CA PRO B 26 15.67 6.00 -5.03
C PRO B 26 15.97 5.14 -6.24
N VAL B 27 16.79 5.67 -7.14
CA VAL B 27 17.22 4.97 -8.34
C VAL B 27 18.75 5.01 -8.37
N GLU B 28 19.36 3.84 -8.27
CA GLU B 28 20.82 3.71 -8.36
C GLU B 28 21.19 3.32 -9.78
N LYS B 29 21.82 4.25 -10.50
CA LYS B 29 22.28 4.05 -11.88
C LYS B 29 21.11 3.76 -12.80
N GLN B 30 21.01 2.53 -13.32
CA GLN B 30 20.01 2.20 -14.33
C GLN B 30 18.72 1.69 -13.67
N LEU B 31 17.59 2.13 -14.21
CA LEU B 31 16.30 1.66 -13.73
C LEU B 31 16.05 0.24 -14.22
N ASP B 32 15.64 -0.64 -13.32
CA ASP B 32 15.32 -2.03 -13.67
C ASP B 32 13.81 -2.15 -13.68
N LEU B 33 13.23 -2.09 -14.89
CA LEU B 33 11.78 -2.07 -15.01
C LEU B 33 11.14 -3.33 -14.45
N ALA B 34 11.81 -4.48 -14.60
CA ALA B 34 11.27 -5.75 -14.14
C ALA B 34 11.13 -5.82 -12.62
N ALA B 35 11.70 -4.85 -11.89
CA ALA B 35 11.64 -4.80 -10.45
C ALA B 35 10.73 -3.69 -9.94
N LEU B 36 10.07 -2.95 -10.83
CA LEU B 36 9.35 -1.75 -10.44
C LEU B 36 7.84 -1.98 -10.50
N ILE B 37 7.15 -1.62 -9.41
CA ILE B 37 5.70 -1.52 -9.42
C ILE B 37 5.34 -0.14 -8.88
N VAL B 38 4.57 0.62 -9.65
CA VAL B 38 4.07 1.92 -9.22
C VAL B 38 2.56 1.86 -9.27
N TYR B 39 1.91 2.29 -8.18
CA TYR B 39 0.46 2.28 -8.12
C TYR B 39 -0.03 3.56 -7.47
N TRP B 40 -1.02 4.18 -8.10
CA TRP B 40 -1.64 5.40 -7.63
C TRP B 40 -3.13 5.14 -7.48
N GLU B 41 -3.69 5.50 -6.33
CA GLU B 41 -5.12 5.34 -6.13
C GLU B 41 -5.63 6.52 -5.30
N MET B 42 -6.95 6.67 -5.30
CA MET B 42 -7.62 7.62 -4.40
C MET B 42 -9.01 7.07 -4.15
N GLU B 43 -9.32 6.78 -2.88
CA GLU B 43 -10.64 6.28 -2.49
C GLU B 43 -10.99 4.98 -3.22
N ASP B 44 -10.00 4.10 -3.36
CA ASP B 44 -10.08 2.81 -4.04
C ASP B 44 -10.23 2.93 -5.55
N LYS B 45 -10.07 4.11 -6.13
CA LYS B 45 -10.09 4.25 -7.58
C LYS B 45 -8.70 3.96 -8.12
N ASN B 46 -8.60 2.98 -9.01
CA ASN B 46 -7.33 2.60 -9.63
C ASN B 46 -6.94 3.68 -10.65
N ILE B 47 -5.93 4.48 -10.33
CA ILE B 47 -5.55 5.57 -11.23
C ILE B 47 -4.39 5.13 -12.11
N ILE B 48 -3.30 4.73 -11.47
CA ILE B 48 -2.10 4.23 -12.16
C ILE B 48 -1.78 2.86 -11.59
N GLN B 49 -1.61 1.88 -12.47
CA GLN B 49 -1.16 0.55 -12.09
C GLN B 49 -0.09 0.13 -13.09
N PHE B 50 1.17 0.29 -12.68
CA PHE B 50 2.33 0.08 -13.52
C PHE B 50 3.09 -1.09 -12.91
N VAL B 51 2.98 -2.28 -13.51
CA VAL B 51 3.53 -3.50 -12.94
C VAL B 51 4.65 -3.98 -13.86
N HIS B 52 5.90 -3.74 -13.44
CA HIS B 52 7.09 -4.11 -14.19
C HIS B 52 7.07 -3.54 -15.60
N GLY B 53 6.48 -2.36 -15.78
CA GLY B 53 6.34 -1.73 -17.07
C GLY B 53 4.98 -1.94 -17.73
N GLU B 54 4.20 -2.88 -17.23
CA GLU B 54 2.92 -3.24 -17.84
C GLU B 54 1.78 -2.41 -17.27
N GLU B 55 1.00 -1.81 -18.16
CA GLU B 55 -0.19 -1.07 -17.79
C GLU B 55 -1.35 -1.59 -18.62
N ASP B 56 -2.55 -1.51 -18.05
CA ASP B 56 -3.74 -1.98 -18.74
C ASP B 56 -4.80 -0.89 -18.60
N LEU B 57 -5.12 -0.23 -19.72
CA LEU B 57 -6.11 0.83 -19.71
C LEU B 57 -7.46 0.34 -19.18
N LYS B 58 -7.76 -0.95 -19.39
CA LYS B 58 -9.05 -1.47 -18.95
C LYS B 58 -9.25 -1.39 -17.43
N VAL B 59 -8.18 -1.45 -16.63
CA VAL B 59 -8.37 -1.40 -15.17
C VAL B 59 -8.38 0.02 -14.61
N GLN B 60 -8.05 1.03 -15.41
CA GLN B 60 -8.04 2.38 -14.89
C GLN B 60 -9.47 2.84 -14.63
N HIS B 61 -9.69 3.45 -13.47
CA HIS B 61 -11.03 3.89 -13.09
C HIS B 61 -11.60 4.87 -14.12
N SER B 62 -12.89 4.70 -14.44
CA SER B 62 -13.45 5.44 -15.58
C SER B 62 -13.39 6.94 -15.36
N SER B 63 -13.55 7.40 -14.11
CA SER B 63 -13.51 8.84 -13.85
C SER B 63 -12.13 9.46 -14.10
N TYR B 64 -11.09 8.64 -14.24
CA TYR B 64 -9.76 9.13 -14.59
C TYR B 64 -9.34 8.76 -16.01
N ARG B 65 -10.11 7.94 -16.72
CA ARG B 65 -9.76 7.65 -18.11
C ARG B 65 -9.71 8.95 -18.88
N GLN B 66 -8.71 9.05 -19.77
CA GLN B 66 -8.44 10.16 -20.67
C GLN B 66 -7.87 11.38 -19.96
N ARG B 67 -7.68 11.33 -18.65
CA ARG B 67 -7.19 12.49 -17.92
C ARG B 67 -5.93 12.22 -17.11
N ALA B 68 -5.62 10.97 -16.77
CA ALA B 68 -4.54 10.68 -15.84
C ALA B 68 -3.52 9.75 -16.49
N ARG B 69 -2.24 10.05 -16.27
CA ARG B 69 -1.20 9.16 -16.72
C ARG B 69 0.01 9.26 -15.79
N LEU B 70 0.89 8.26 -15.90
CA LEU B 70 2.15 8.26 -15.18
C LEU B 70 3.23 8.85 -16.08
N LEU B 71 3.91 9.88 -15.60
CA LEU B 71 4.95 10.54 -16.39
C LEU B 71 6.16 9.61 -16.50
N LYS B 72 6.42 9.10 -17.71
CA LYS B 72 7.52 8.16 -17.92
C LYS B 72 8.83 8.84 -18.22
N ASP B 73 8.83 10.12 -18.59
CA ASP B 73 10.07 10.76 -19.03
C ASP B 73 11.11 10.82 -17.93
N GLN B 74 10.72 10.65 -16.67
CA GLN B 74 11.63 10.77 -15.54
C GLN B 74 11.46 9.63 -14.54
N LEU B 75 10.87 8.51 -14.97
CA LEU B 75 10.94 7.31 -14.14
C LEU B 75 12.39 6.94 -13.89
N SER B 76 13.25 7.12 -14.90
CA SER B 76 14.67 6.86 -14.77
C SER B 76 15.35 7.76 -13.77
N LEU B 77 14.74 8.90 -13.44
CA LEU B 77 15.23 9.76 -12.38
C LEU B 77 14.62 9.44 -11.02
N GLY B 78 13.73 8.46 -10.94
CA GLY B 78 13.08 8.12 -9.70
C GLY B 78 11.88 8.98 -9.34
N ASN B 79 11.19 9.56 -10.33
CA ASN B 79 9.98 10.35 -10.08
C ASN B 79 8.82 9.68 -10.80
N ALA B 80 7.99 8.97 -10.05
CA ALA B 80 6.76 8.38 -10.56
C ALA B 80 5.61 9.39 -10.48
N ALA B 81 5.75 10.47 -11.24
CA ALA B 81 4.80 11.57 -11.12
C ALA B 81 3.46 11.21 -11.76
N LEU B 82 2.37 11.46 -11.02
CA LEU B 82 1.03 11.31 -11.56
C LEU B 82 0.59 12.65 -12.15
N GLN B 83 0.25 12.66 -13.43
CA GLN B 83 -0.22 13.86 -14.09
C GLN B 83 -1.71 13.73 -14.39
N ILE B 84 -2.48 14.72 -13.95
CA ILE B 84 -3.91 14.76 -14.19
C ILE B 84 -4.22 16.05 -14.92
N THR B 85 -4.91 15.93 -16.04
CA THR B 85 -5.31 17.07 -16.85
C THR B 85 -6.80 17.35 -16.65
N ASP B 86 -7.16 18.64 -16.64
CA ASP B 86 -8.55 19.07 -16.48
C ASP B 86 -9.13 18.62 -15.13
N VAL B 87 -8.50 19.12 -14.05
CA VAL B 87 -8.85 18.68 -12.70
C VAL B 87 -10.32 19.00 -12.39
N LYS B 88 -11.01 18.04 -11.76
CA LYS B 88 -12.41 18.16 -11.36
C LYS B 88 -12.54 18.10 -9.84
N LEU B 89 -13.71 18.53 -9.35
CA LEU B 89 -13.97 18.51 -7.90
C LEU B 89 -13.80 17.12 -7.34
N GLN B 90 -14.25 16.09 -8.06
CA GLN B 90 -14.16 14.72 -7.56
C GLN B 90 -12.72 14.21 -7.54
N ASP B 91 -11.76 15.00 -8.05
CA ASP B 91 -10.35 14.69 -7.87
C ASP B 91 -9.84 15.05 -6.47
N ALA B 92 -10.63 15.76 -5.66
CA ALA B 92 -10.21 16.06 -4.30
C ALA B 92 -10.30 14.81 -3.43
N GLY B 93 -9.26 14.57 -2.64
CA GLY B 93 -9.23 13.40 -1.79
C GLY B 93 -7.81 13.09 -1.37
N VAL B 94 -7.66 11.96 -0.69
CA VAL B 94 -6.37 11.49 -0.23
C VAL B 94 -5.84 10.48 -1.25
N TYR B 95 -4.75 10.82 -1.93
CA TYR B 95 -4.09 9.93 -2.88
C TYR B 95 -3.01 9.12 -2.18
N ARG B 96 -2.77 7.92 -2.69
CA ARG B 96 -1.62 7.11 -2.28
C ARG B 96 -0.75 6.82 -3.50
N CYS B 97 0.54 7.09 -3.36
CA CYS B 97 1.56 6.66 -4.30
C CYS B 97 2.27 5.49 -3.62
N MET B 98 2.15 4.29 -4.21
CA MET B 98 2.73 3.09 -3.64
C MET B 98 3.78 2.56 -4.61
N ILE B 99 4.98 2.34 -4.11
CA ILE B 99 6.10 1.94 -4.97
C ILE B 99 6.80 0.74 -4.35
N SER B 100 6.97 -0.31 -5.15
CA SER B 100 7.79 -1.46 -4.84
C SER B 100 8.98 -1.47 -5.80
N TYR B 101 10.19 -1.40 -5.25
CA TYR B 101 11.40 -1.34 -6.06
C TYR B 101 12.61 -1.72 -5.22
N GLY B 102 12.85 -3.03 -5.08
CA GLY B 102 13.88 -3.49 -4.17
C GLY B 102 13.51 -3.06 -2.76
N GLY B 103 12.30 -3.36 -2.35
CA GLY B 103 11.68 -2.78 -1.16
C GLY B 103 10.39 -2.08 -1.52
N ALA B 104 9.68 -1.64 -0.48
CA ALA B 104 8.37 -1.06 -0.71
C ALA B 104 8.07 0.01 0.32
N ASP B 105 7.37 1.04 -0.14
CA ASP B 105 6.90 2.15 0.70
C ASP B 105 5.72 2.79 -0.01
N TYR B 106 5.06 3.71 0.68
CA TYR B 106 4.01 4.50 0.05
C TYR B 106 3.86 5.77 0.86
N LYS B 107 3.25 6.78 0.24
CA LYS B 107 2.96 8.03 0.92
C LYS B 107 1.57 8.49 0.52
N ARG B 108 0.94 9.22 1.43
CA ARG B 108 -0.34 9.84 1.20
C ARG B 108 -0.13 11.28 0.75
N ILE B 109 -0.98 11.76 -0.15
CA ILE B 109 -0.98 13.13 -0.62
C ILE B 109 -2.42 13.59 -0.64
N THR B 110 -2.70 14.75 -0.05
CA THR B 110 -4.05 15.31 -0.09
C THR B 110 -4.16 16.31 -1.23
N VAL B 111 -5.23 16.20 -2.01
CA VAL B 111 -5.52 17.18 -3.06
C VAL B 111 -6.80 17.88 -2.68
N LYS B 112 -6.75 19.19 -2.65
CA LYS B 112 -7.95 20.00 -2.48
C LYS B 112 -8.13 20.81 -3.76
N VAL B 113 -9.33 20.73 -4.33
CA VAL B 113 -9.63 21.37 -5.61
C VAL B 113 -10.45 22.62 -5.30
N ASN B 114 -9.91 23.77 -5.70
CA ASN B 114 -10.62 25.02 -5.51
C ASN B 114 -11.77 25.11 -6.49
N ALA B 115 -12.91 25.60 -6.01
CA ALA B 115 -14.06 25.79 -6.87
C ALA B 115 -13.70 26.74 -8.02
N PRO B 116 -14.36 26.60 -9.16
CA PRO B 116 -14.16 27.67 -10.17
C PRO B 116 -14.77 29.00 -9.69
#